data_5R1U
#
_entry.id   5R1U
#
_cell.length_a   45.285
_cell.length_b   73.030
_cell.length_c   52.702
_cell.angle_alpha   90.000
_cell.angle_beta   109.370
_cell.angle_gamma   90.000
#
_symmetry.space_group_name_H-M   'P 1 21 1'
#
loop_
_entity.id
_entity.type
_entity.pdbx_description
1 polymer Endothiapepsin
2 non-polymer 2-[(1R)-1-aminopropyl]phenol
3 water water
#
_entity_poly.entity_id   1
_entity_poly.type   'polypeptide(L)'
_entity_poly.pdbx_seq_one_letter_code
;MSSPLKNALVTAMLAGGALSSPTKQHVGIPVNASPEVGPGKYSFKQVRNPNYKFNGPLSVKKTYLKYGVPIPAWLEDAVQ
NSTSGLAERSTGSATTTPIDSLDDAYITPVQIGTPAQTLNLDFDTGSSDLWVFSSETTASEVDGQTIYTPSKSTTAKLLS
GATWSISYGDGSSSSGDVYTDTVSVGGLTVTGQAVESAKKVSSSFTEDSTIDGLLGLAFSTLNTVSPTQQKTFFDNAKAS
LDSPVFTADLGYHAPGTYNFGFIDTTAYTGSITYTAVSTKQGFWEWTSTGYAVGSGTFKSTSIDGIADTGTTLLYLPATV
VSAYWAQVSGAKSSSSVGGYVFPCSATLPSFTFGVGSARIVIPGDYIDFGPISTGSSSCFGGIQSSAGIGINIFGDVALK
AAFVVFNGATTPTLGFASK
;
_entity_poly.pdbx_strand_id   A
#
loop_
_chem_comp.id
_chem_comp.type
_chem_comp.name
_chem_comp.formula
T9G non-polymer 2-[(1R)-1-aminopropyl]phenol 'C9 H13 N O'
#
# COMPACT_ATOMS: atom_id res chain seq x y z
N SER A 90 12.04 4.11 -20.72
CA SER A 90 12.63 3.26 -19.67
C SER A 90 11.56 2.48 -18.94
N THR A 91 12.00 1.44 -18.22
CA THR A 91 11.14 0.66 -17.34
C THR A 91 11.93 0.28 -16.10
N GLY A 92 11.19 -0.16 -15.07
CA GLY A 92 11.80 -0.82 -13.93
C GLY A 92 10.93 -1.96 -13.48
N SER A 93 11.54 -2.91 -12.78
CA SER A 93 10.81 -4.06 -12.26
C SER A 93 11.52 -4.53 -11.00
N ALA A 94 10.77 -4.61 -9.90
CA ALA A 94 11.36 -5.00 -8.61
C ALA A 94 10.43 -5.98 -7.90
N THR A 95 11.04 -6.98 -7.25
CA THR A 95 10.31 -8.00 -6.49
C THR A 95 9.98 -7.38 -5.13
N THR A 96 8.77 -7.61 -4.65
CA THR A 96 8.28 -7.09 -3.37
C THR A 96 7.96 -8.30 -2.51
N THR A 97 8.31 -8.22 -1.23
CA THR A 97 8.34 -9.41 -0.38
C THR A 97 7.56 -9.14 0.90
N PRO A 98 6.66 -10.03 1.33
CA PRO A 98 5.99 -9.82 2.61
CA PRO A 98 5.99 -9.82 2.62
C PRO A 98 6.99 -9.74 3.76
N ILE A 99 6.70 -8.86 4.72
CA ILE A 99 7.62 -8.70 5.85
C ILE A 99 7.47 -9.80 6.89
N ASP A 100 6.39 -10.57 6.85
CA ASP A 100 6.09 -11.57 7.86
C ASP A 100 5.11 -12.56 7.29
N SER A 101 4.75 -13.57 8.09
CA SER A 101 3.93 -14.68 7.64
C SER A 101 2.47 -14.29 7.41
N LEU A 102 2.05 -13.12 7.95
CA LEU A 102 0.70 -12.51 7.83
C LEU A 102 0.58 -11.53 6.65
N ASP A 103 1.60 -11.32 5.80
CA ASP A 103 1.55 -10.30 4.76
C ASP A 103 1.13 -8.95 5.35
N ASP A 104 1.73 -8.53 6.47
CA ASP A 104 1.34 -7.27 7.15
C ASP A 104 1.66 -6.10 6.23
N ALA A 105 2.74 -6.28 5.50
CA ALA A 105 3.22 -5.25 4.59
C ALA A 105 4.21 -5.93 3.68
N TYR A 106 4.63 -5.19 2.66
CA TYR A 106 5.55 -5.68 1.65
C TYR A 106 6.70 -4.71 1.52
N ILE A 107 7.91 -5.23 1.39
CA ILE A 107 9.11 -4.41 1.23
C ILE A 107 9.76 -4.67 -0.12
N THR A 108 10.29 -3.59 -0.70
CA THR A 108 10.89 -3.61 -2.01
C THR A 108 12.24 -2.94 -1.89
N PRO A 109 13.31 -3.53 -2.41
CA PRO A 109 14.62 -2.91 -2.30
C PRO A 109 14.72 -1.70 -3.22
N VAL A 110 15.35 -0.64 -2.71
CA VAL A 110 15.49 0.64 -3.39
C VAL A 110 16.93 1.10 -3.20
N GLN A 111 17.59 1.45 -4.30
CA GLN A 111 18.97 1.95 -4.27
C GLN A 111 18.95 3.47 -4.16
N ILE A 112 19.64 4.00 -3.15
CA ILE A 112 19.69 5.43 -2.91
C ILE A 112 21.15 5.86 -2.85
N GLY A 113 21.50 6.87 -3.61
CA GLY A 113 22.82 7.47 -3.49
C GLY A 113 23.89 6.81 -4.34
N THR A 114 25.10 7.34 -4.19
CA THR A 114 26.28 6.90 -4.92
C THR A 114 27.46 6.82 -3.97
N PRO A 115 28.07 5.65 -3.76
CA PRO A 115 27.60 4.34 -4.22
C PRO A 115 26.21 4.03 -3.63
N ALA A 116 25.53 3.07 -4.23
CA ALA A 116 24.18 2.78 -3.80
C ALA A 116 24.15 2.33 -2.35
N GLN A 117 23.15 2.82 -1.64
CA GLN A 117 22.74 2.30 -0.34
C GLN A 117 21.36 1.68 -0.55
N THR A 118 21.25 0.37 -0.35
CA THR A 118 19.99 -0.31 -0.59
C THR A 118 19.19 -0.38 0.70
N LEU A 119 17.99 0.19 0.67
CA LEU A 119 17.04 0.17 1.75
C LEU A 119 15.78 -0.54 1.29
N ASN A 120 15.11 -1.22 2.22
CA ASN A 120 13.89 -1.95 1.90
C ASN A 120 12.70 -1.08 2.32
N LEU A 121 12.00 -0.56 1.32
CA LEU A 121 10.94 0.43 1.54
C LEU A 121 9.57 -0.19 1.32
N ASP A 122 8.60 0.37 2.03
CA ASP A 122 7.20 0.00 1.91
C ASP A 122 6.58 0.92 0.86
N PHE A 123 6.30 0.37 -0.34
CA PHE A 123 5.68 1.14 -1.41
C PHE A 123 4.22 1.38 -1.06
N ASP A 124 3.82 2.65 -1.02
CA ASP A 124 2.55 3.03 -0.40
C ASP A 124 1.76 3.91 -1.38
N THR A 125 0.78 3.32 -2.07
CA THR A 125 -0.05 4.10 -2.98
C THR A 125 -1.04 5.01 -2.26
N GLY A 126 -1.06 5.01 -0.92
CA GLY A 126 -1.84 5.92 -0.12
C GLY A 126 -1.11 7.10 0.46
N SER A 127 0.15 7.33 0.10
CA SER A 127 0.85 8.51 0.55
C SER A 127 1.87 8.91 -0.51
N SER A 128 2.55 10.04 -0.27
CA SER A 128 3.31 10.68 -1.34
C SER A 128 4.67 11.19 -0.90
N ASP A 129 5.22 10.63 0.19
CA ASP A 129 6.55 10.97 0.67
C ASP A 129 7.44 9.74 0.55
N LEU A 130 8.67 9.96 0.09
CA LEU A 130 9.71 8.93 0.12
C LEU A 130 10.58 9.32 1.30
N TRP A 131 10.45 8.57 2.41
CA TRP A 131 11.21 8.89 3.60
C TRP A 131 11.93 7.65 4.10
N VAL A 132 13.07 7.87 4.75
CA VAL A 132 13.95 6.78 5.16
C VAL A 132 14.47 6.99 6.56
N PHE A 133 14.67 5.88 7.26
CA PHE A 133 15.57 5.88 8.40
C PHE A 133 16.95 6.32 7.94
N SER A 134 17.66 7.06 8.80
CA SER A 134 18.88 7.69 8.33
C SER A 134 19.86 7.82 9.48
N SER A 135 21.06 8.29 9.12
CA SER A 135 22.06 8.64 10.11
C SER A 135 21.62 9.80 10.99
N GLU A 136 20.57 10.52 10.61
CA GLU A 136 20.02 11.62 11.39
C GLU A 136 18.91 11.17 12.33
N THR A 137 18.42 9.93 12.21
CA THR A 137 17.31 9.48 13.05
C THR A 137 17.79 9.34 14.50
N THR A 138 17.01 9.90 15.43
CA THR A 138 17.26 9.75 16.86
C THR A 138 17.66 8.32 17.17
N ALA A 139 18.84 8.16 17.79
CA ALA A 139 19.44 6.83 17.89
C ALA A 139 18.53 5.85 18.61
N SER A 140 17.84 6.29 19.66
CA SER A 140 16.97 5.40 20.42
C SER A 140 15.74 4.97 19.63
N GLU A 141 15.48 5.59 18.49
CA GLU A 141 14.34 5.25 17.65
C GLU A 141 14.72 4.36 16.49
N VAL A 142 15.97 3.92 16.41
CA VAL A 142 16.44 2.99 15.40
C VAL A 142 16.70 1.66 16.10
N ASP A 143 16.08 0.59 15.60
CA ASP A 143 16.20 -0.74 16.20
C ASP A 143 16.23 -1.78 15.08
N GLY A 144 17.36 -1.86 14.39
CA GLY A 144 17.58 -2.89 13.39
C GLY A 144 17.36 -2.47 11.95
N GLN A 145 16.80 -1.29 11.70
CA GLN A 145 16.60 -0.84 10.33
C GLN A 145 17.93 -0.51 9.68
N THR A 146 17.97 -0.64 8.36
CA THR A 146 19.07 -0.11 7.58
C THR A 146 18.85 1.38 7.36
N ILE A 147 19.91 2.16 7.54
CA ILE A 147 19.82 3.61 7.46
C ILE A 147 20.49 4.13 6.20
N TYR A 148 19.96 5.24 5.69
CA TYR A 148 20.59 6.05 4.67
C TYR A 148 21.52 7.06 5.34
N THR A 149 22.75 7.14 4.87
CA THR A 149 23.73 8.10 5.39
C THR A 149 24.09 9.05 4.25
N PRO A 150 23.46 10.22 4.17
CA PRO A 150 23.72 11.08 3.01
C PRO A 150 25.17 11.52 2.90
N SER A 151 25.89 11.64 4.01
CA SER A 151 27.27 12.09 3.94
C SER A 151 28.16 11.11 3.19
N LYS A 152 27.72 9.85 3.03
CA LYS A 152 28.47 8.84 2.29
C LYS A 152 28.06 8.75 0.83
N SER A 153 27.10 9.58 0.39
CA SER A 153 26.65 9.58 -0.98
C SER A 153 27.19 10.81 -1.68
N THR A 154 27.96 10.60 -2.75
CA THR A 154 28.56 11.73 -3.44
C THR A 154 27.55 12.52 -4.26
N THR A 155 26.35 12.00 -4.45
CA THR A 155 25.30 12.68 -5.18
C THR A 155 24.24 13.29 -4.27
N ALA A 156 24.33 13.11 -2.96
CA ALA A 156 23.36 13.70 -2.06
C ALA A 156 23.60 15.20 -1.93
N LYS A 157 22.50 15.96 -1.88
CA LYS A 157 22.57 17.40 -1.62
CA LYS A 157 22.56 17.40 -1.64
C LYS A 157 21.45 17.77 -0.66
N LEU A 158 21.80 18.49 0.41
CA LEU A 158 20.77 18.95 1.32
C LEU A 158 19.83 19.89 0.56
N LEU A 159 18.53 19.69 0.71
CA LEU A 159 17.54 20.60 0.14
C LEU A 159 17.33 21.67 1.20
N SER A 160 17.96 22.81 0.99
CA SER A 160 18.09 23.80 2.04
CA SER A 160 18.09 23.80 2.05
C SER A 160 16.74 24.31 2.51
N GLY A 161 16.52 24.28 3.82
CA GLY A 161 15.32 24.79 4.44
C GLY A 161 14.14 23.88 4.41
N ALA A 162 14.23 22.72 3.76
CA ALA A 162 13.09 21.85 3.58
C ALA A 162 12.92 20.92 4.78
N THR A 163 11.69 20.82 5.26
CA THR A 163 11.36 19.86 6.30
C THR A 163 10.10 19.12 5.89
N TRP A 164 9.83 18.02 6.59
CA TRP A 164 8.66 17.21 6.31
C TRP A 164 8.15 16.63 7.61
N SER A 165 6.88 16.28 7.61
CA SER A 165 6.23 15.70 8.78
C SER A 165 4.94 15.05 8.31
N ILE A 166 4.75 13.79 8.63
CA ILE A 166 3.62 13.04 8.11
C ILE A 166 2.99 12.23 9.22
N SER A 167 1.67 12.09 9.14
CA SER A 167 0.90 11.23 10.02
C SER A 167 0.05 10.32 9.16
N TYR A 168 0.08 9.03 9.46
CA TYR A 168 -0.64 8.05 8.67
C TYR A 168 -1.96 7.67 9.33
N GLY A 169 -2.81 7.00 8.55
CA GLY A 169 -4.14 6.64 9.01
C GLY A 169 -4.16 5.77 10.25
N ASP A 170 -3.07 5.06 10.52
CA ASP A 170 -2.99 4.17 11.67
C ASP A 170 -2.44 4.87 12.92
N GLY A 171 -2.18 6.17 12.85
CA GLY A 171 -1.66 6.90 13.99
C GLY A 171 -0.15 6.99 14.07
N SER A 172 0.57 6.35 13.15
CA SER A 172 2.02 6.45 13.15
C SER A 172 2.43 7.75 12.46
N SER A 173 3.70 8.12 12.62
CA SER A 173 4.19 9.40 12.13
C SER A 173 5.71 9.40 12.06
N SER A 174 6.23 10.39 11.34
CA SER A 174 7.67 10.59 11.21
C SER A 174 7.90 11.99 10.68
N SER A 175 9.13 12.50 10.85
CA SER A 175 9.44 13.85 10.39
C SER A 175 10.96 14.01 10.26
N GLY A 176 11.37 15.03 9.51
CA GLY A 176 12.80 15.29 9.39
C GLY A 176 13.11 16.36 8.37
N ASP A 177 14.29 16.22 7.76
CA ASP A 177 14.77 17.15 6.72
C ASP A 177 14.88 16.39 5.41
N VAL A 178 15.45 17.03 4.39
CA VAL A 178 15.31 16.52 3.03
C VAL A 178 16.62 16.67 2.27
N TYR A 179 16.98 15.61 1.55
CA TYR A 179 18.07 15.62 0.59
C TYR A 179 17.50 15.35 -0.79
N THR A 180 18.22 15.74 -1.82
CA THR A 180 17.99 15.17 -3.13
C THR A 180 19.11 14.20 -3.43
N ASP A 181 18.78 13.10 -4.10
CA ASP A 181 19.78 12.09 -4.41
C ASP A 181 19.23 11.24 -5.54
N THR A 182 20.09 10.39 -6.07
CA THR A 182 19.72 9.43 -7.11
C THR A 182 19.04 8.24 -6.47
N VAL A 183 17.89 7.86 -7.00
CA VAL A 183 17.11 6.75 -6.49
C VAL A 183 16.78 5.82 -7.63
N SER A 184 17.03 4.52 -7.44
CA SER A 184 16.72 3.54 -8.46
C SER A 184 15.85 2.44 -7.87
N VAL A 185 14.86 2.01 -8.66
CA VAL A 185 13.97 0.92 -8.30
C VAL A 185 13.98 -0.05 -9.46
N GLY A 186 14.45 -1.27 -9.23
CA GLY A 186 14.34 -2.28 -10.24
C GLY A 186 14.95 -1.88 -11.57
N GLY A 187 16.05 -1.12 -11.55
CA GLY A 187 16.70 -0.69 -12.77
C GLY A 187 16.24 0.64 -13.33
N LEU A 188 15.20 1.26 -12.78
CA LEU A 188 14.73 2.56 -13.20
C LEU A 188 15.32 3.61 -12.27
N THR A 189 15.99 4.62 -12.85
CA THR A 189 16.74 5.60 -12.08
C THR A 189 16.14 7.00 -12.24
N VAL A 190 15.94 7.66 -11.10
CA VAL A 190 15.57 9.07 -11.04
C VAL A 190 16.70 9.84 -10.38
N THR A 191 17.18 10.89 -11.04
CA THR A 191 18.11 11.78 -10.39
C THR A 191 17.36 12.94 -9.75
N GLY A 192 17.92 13.49 -8.68
CA GLY A 192 17.30 14.61 -8.00
C GLY A 192 16.02 14.28 -7.27
N GLN A 193 15.81 13.02 -6.89
CA GLN A 193 14.65 12.65 -6.11
C GLN A 193 14.76 13.18 -4.69
N ALA A 194 13.66 13.74 -4.18
CA ALA A 194 13.62 14.13 -2.78
C ALA A 194 13.58 12.88 -1.91
N VAL A 195 14.59 12.75 -1.07
CA VAL A 195 14.73 11.67 -0.10
C VAL A 195 14.60 12.31 1.26
N GLU A 196 13.50 12.02 1.94
CA GLU A 196 13.16 12.67 3.20
C GLU A 196 13.79 11.87 4.32
N SER A 197 14.75 12.47 5.01
CA SER A 197 15.53 11.80 6.02
C SER A 197 14.87 11.99 7.38
N ALA A 198 14.54 10.90 8.05
CA ALA A 198 13.84 10.98 9.32
C ALA A 198 14.78 11.41 10.42
N LYS A 199 14.39 12.46 11.14
CA LYS A 199 14.98 12.76 12.43
C LYS A 199 14.21 12.10 13.57
N LYS A 200 12.91 11.91 13.40
CA LYS A 200 12.05 11.29 14.40
C LYS A 200 11.10 10.33 13.69
N VAL A 201 10.86 9.19 14.32
CA VAL A 201 9.83 8.25 13.88
C VAL A 201 9.04 7.80 15.10
N SER A 202 7.78 7.44 14.89
CA SER A 202 6.96 6.96 16.00
C SER A 202 7.28 5.50 16.32
N SER A 203 6.76 5.05 17.45
CA SER A 203 7.18 3.77 18.02
C SER A 203 6.89 2.61 17.07
N SER A 204 5.76 2.57 16.39
CA SER A 204 5.45 1.45 15.49
C SER A 204 6.56 1.32 14.45
N PHE A 205 7.13 2.42 13.92
CA PHE A 205 8.22 2.29 12.96
C PHE A 205 9.47 1.72 13.62
N THR A 206 9.85 2.26 14.78
CA THR A 206 11.01 1.73 15.49
C THR A 206 10.87 0.25 15.72
N GLU A 207 9.72 -0.17 16.26
CA GLU A 207 9.48 -1.57 16.70
C GLU A 207 9.45 -2.55 15.52
N ASP A 208 9.31 -2.05 14.29
CA ASP A 208 9.31 -2.90 13.08
C ASP A 208 10.69 -2.75 12.40
N SER A 209 11.58 -3.74 12.52
CA SER A 209 12.93 -3.68 11.99
C SER A 209 13.00 -3.97 10.51
N THR A 210 11.93 -4.46 9.90
CA THR A 210 11.96 -4.89 8.51
C THR A 210 11.71 -3.77 7.49
N ILE A 211 11.19 -2.63 7.93
CA ILE A 211 10.82 -1.53 7.05
C ILE A 211 11.74 -0.36 7.30
N ASP A 212 12.53 0.00 6.27
CA ASP A 212 13.53 1.05 6.37
C ASP A 212 12.99 2.42 5.96
N GLY A 213 11.72 2.50 5.59
CA GLY A 213 11.11 3.74 5.15
C GLY A 213 9.96 3.42 4.21
N LEU A 214 9.39 4.48 3.67
CA LEU A 214 8.24 4.40 2.77
C LEU A 214 8.59 5.06 1.45
N LEU A 215 7.99 4.55 0.38
CA LEU A 215 8.07 5.17 -0.94
C LEU A 215 6.64 5.43 -1.40
N GLY A 216 6.23 6.70 -1.32
CA GLY A 216 4.86 7.07 -1.62
C GLY A 216 4.60 7.08 -3.12
N LEU A 217 3.42 6.58 -3.48
CA LEU A 217 2.98 6.44 -4.87
C LEU A 217 1.58 7.02 -5.10
N ALA A 218 1.05 7.77 -4.14
CA ALA A 218 -0.15 8.57 -4.38
C ALA A 218 0.24 9.83 -5.13
N PHE A 219 -0.68 10.78 -5.25
CA PHE A 219 -0.42 11.96 -6.06
C PHE A 219 0.43 12.97 -5.30
N SER A 220 1.28 13.68 -6.04
CA SER A 220 2.27 14.54 -5.38
C SER A 220 1.63 15.68 -4.61
N THR A 221 0.36 15.99 -4.87
CA THR A 221 -0.33 16.99 -4.07
C THR A 221 -0.38 16.66 -2.57
N LEU A 222 -0.19 15.39 -2.19
CA LEU A 222 -0.15 15.01 -0.78
C LEU A 222 1.24 15.09 -0.16
N ASN A 223 2.28 15.39 -0.93
CA ASN A 223 3.61 15.37 -0.38
C ASN A 223 3.73 16.44 0.71
N THR A 224 4.39 16.10 1.82
CA THR A 224 4.39 16.98 2.99
C THR A 224 5.59 17.92 3.07
N VAL A 225 6.51 17.88 2.11
CA VAL A 225 7.70 18.73 2.24
C VAL A 225 7.29 20.19 2.18
N SER A 226 7.86 20.99 3.08
CA SER A 226 7.62 22.41 3.21
C SER A 226 8.97 23.11 3.24
N PRO A 227 9.09 24.30 2.64
CA PRO A 227 8.03 25.11 2.03
C PRO A 227 7.78 24.80 0.55
N THR A 228 8.54 23.88 -0.04
CA THR A 228 8.44 23.56 -1.45
C THR A 228 8.06 22.09 -1.56
N GLN A 229 6.82 21.82 -1.92
CA GLN A 229 6.36 20.44 -2.06
C GLN A 229 7.18 19.73 -3.12
N GLN A 230 7.44 18.45 -2.89
CA GLN A 230 8.27 17.63 -3.76
C GLN A 230 7.44 16.56 -4.47
N LYS A 231 7.99 16.07 -5.58
CA LYS A 231 7.34 15.06 -6.41
C LYS A 231 7.69 13.64 -5.96
N THR A 232 6.74 12.74 -6.17
CA THR A 232 6.99 11.33 -5.92
C THR A 232 7.97 10.77 -6.94
N PHE A 233 8.51 9.60 -6.59
CA PHE A 233 9.37 8.87 -7.51
C PHE A 233 8.69 8.64 -8.84
N PHE A 234 7.43 8.21 -8.80
CA PHE A 234 6.69 7.96 -10.05
C PHE A 234 6.50 9.23 -10.86
N ASP A 235 6.14 10.32 -10.20
CA ASP A 235 5.97 11.59 -10.89
C ASP A 235 7.26 12.02 -11.58
N ASN A 236 8.40 11.85 -10.89
CA ASN A 236 9.69 12.21 -11.47
C ASN A 236 10.07 11.29 -12.63
N ALA A 237 9.71 10.01 -12.56
CA ALA A 237 10.09 9.05 -13.59
C ALA A 237 9.16 9.07 -14.80
N LYS A 238 7.94 9.57 -14.67
N LYS A 238 7.95 9.59 -14.63
CA LYS A 238 6.90 9.19 -15.63
CA LYS A 238 6.85 9.34 -15.56
C LYS A 238 7.16 9.68 -17.05
C LYS A 238 7.25 9.65 -16.99
N ALA A 239 7.81 10.84 -17.21
CA ALA A 239 8.09 11.31 -18.57
C ALA A 239 9.09 10.40 -19.28
N SER A 240 9.96 9.73 -18.53
CA SER A 240 10.96 8.84 -19.10
C SER A 240 10.44 7.44 -19.35
N LEU A 241 9.33 7.07 -18.72
CA LEU A 241 8.83 5.72 -18.83
C LEU A 241 8.27 5.44 -20.21
N ASP A 242 8.33 4.17 -20.62
CA ASP A 242 7.74 3.79 -21.91
C ASP A 242 6.26 4.12 -21.94
N SER A 243 5.56 3.90 -20.83
CA SER A 243 4.16 4.23 -20.65
CA SER A 243 4.16 4.23 -20.65
C SER A 243 4.03 4.77 -19.24
N PRO A 244 3.16 5.77 -19.01
CA PRO A 244 3.11 6.43 -17.69
C PRO A 244 2.27 5.67 -16.68
N VAL A 245 2.75 4.47 -16.34
CA VAL A 245 2.01 3.54 -15.51
C VAL A 245 2.95 2.84 -14.55
N PHE A 246 2.39 2.36 -13.44
CA PHE A 246 3.05 1.34 -12.65
C PHE A 246 2.02 0.29 -12.28
N THR A 247 2.49 -0.92 -11.96
CA THR A 247 1.59 -2.01 -11.61
C THR A 247 2.01 -2.64 -10.30
N ALA A 248 1.01 -3.06 -9.52
CA ALA A 248 1.21 -3.76 -8.27
C ALA A 248 0.66 -5.18 -8.43
N ASP A 249 1.51 -6.15 -8.16
CA ASP A 249 1.16 -7.57 -8.24
C ASP A 249 1.64 -8.19 -6.93
N LEU A 250 0.84 -7.99 -5.88
CA LEU A 250 1.23 -8.45 -4.55
C LEU A 250 0.89 -9.93 -4.39
N GLY A 251 1.79 -10.66 -3.74
CA GLY A 251 1.58 -12.08 -3.49
C GLY A 251 0.83 -12.38 -2.20
N TYR A 252 0.13 -13.50 -2.19
CA TYR A 252 -0.42 -14.05 -0.96
C TYR A 252 0.62 -14.99 -0.37
N HIS A 253 1.16 -14.62 0.79
CA HIS A 253 2.17 -15.44 1.46
C HIS A 253 3.32 -15.76 0.52
N ALA A 254 3.62 -14.88 -0.44
CA ALA A 254 4.68 -15.17 -1.42
C ALA A 254 5.22 -13.86 -1.97
N PRO A 255 6.37 -13.82 -2.67
CA PRO A 255 6.84 -12.60 -3.33
C PRO A 255 5.91 -12.18 -4.47
N GLY A 256 6.13 -10.96 -4.89
CA GLY A 256 5.30 -10.33 -5.92
C GLY A 256 6.13 -9.32 -6.66
N THR A 257 5.48 -8.46 -7.45
CA THR A 257 6.25 -7.54 -8.30
C THR A 257 5.64 -6.14 -8.42
N TYR A 258 6.46 -5.09 -8.35
CA TYR A 258 6.11 -3.74 -8.80
C TYR A 258 6.84 -3.48 -10.11
N ASN A 259 6.09 -3.14 -11.15
CA ASN A 259 6.66 -2.76 -12.43
C ASN A 259 6.36 -1.29 -12.72
N PHE A 260 7.31 -0.63 -13.36
CA PHE A 260 7.16 0.76 -13.77
C PHE A 260 7.34 0.86 -15.28
N GLY A 261 6.38 1.46 -15.96
CA GLY A 261 6.52 1.83 -17.34
C GLY A 261 6.01 0.81 -18.33
N PHE A 262 5.49 -0.33 -17.88
CA PHE A 262 4.98 -1.34 -18.78
C PHE A 262 4.00 -2.24 -18.06
N ILE A 263 3.14 -2.90 -18.83
N ILE A 263 3.11 -2.84 -18.85
CA ILE A 263 2.15 -3.84 -18.31
CA ILE A 263 2.17 -3.87 -18.43
C ILE A 263 2.53 -5.24 -18.78
C ILE A 263 2.76 -5.21 -18.82
N ASP A 264 2.92 -6.10 -17.84
CA ASP A 264 3.36 -7.46 -18.12
C ASP A 264 2.12 -8.28 -18.41
N THR A 265 1.87 -8.54 -19.70
CA THR A 265 0.66 -9.24 -20.10
C THR A 265 0.68 -10.71 -19.72
N THR A 266 1.80 -11.24 -19.21
CA THR A 266 1.85 -12.61 -18.73
C THR A 266 1.50 -12.72 -17.26
N ALA A 267 1.26 -11.61 -16.58
CA ALA A 267 1.12 -11.61 -15.13
C ALA A 267 -0.34 -11.68 -14.66
N TYR A 268 -1.31 -11.76 -15.57
CA TYR A 268 -2.70 -11.80 -15.18
C TYR A 268 -3.45 -12.69 -16.15
N THR A 269 -4.65 -13.08 -15.76
CA THR A 269 -5.55 -13.84 -16.61
C THR A 269 -6.65 -12.92 -17.11
N GLY A 270 -7.29 -13.34 -18.20
CA GLY A 270 -8.38 -12.56 -18.74
C GLY A 270 -7.92 -11.17 -19.15
N SER A 271 -8.83 -10.20 -19.00
N SER A 271 -8.82 -10.21 -18.99
CA SER A 271 -8.58 -8.82 -19.38
CA SER A 271 -8.59 -8.82 -19.37
C SER A 271 -8.47 -7.93 -18.15
C SER A 271 -8.50 -7.93 -18.15
N ILE A 272 -7.88 -6.77 -18.34
CA ILE A 272 -7.82 -5.73 -17.33
C ILE A 272 -9.03 -4.84 -17.52
N THR A 273 -9.81 -4.63 -16.45
CA THR A 273 -10.92 -3.70 -16.49
C THR A 273 -10.48 -2.40 -15.83
N TYR A 274 -10.58 -1.31 -16.59
CA TYR A 274 -10.21 0.00 -16.11
C TYR A 274 -11.43 0.74 -15.57
N THR A 275 -11.17 1.59 -14.61
CA THR A 275 -12.22 2.32 -13.90
C THR A 275 -11.72 3.71 -13.56
N ALA A 276 -12.66 4.65 -13.46
CA ALA A 276 -12.30 6.05 -13.28
C ALA A 276 -11.70 6.32 -11.91
N VAL A 277 -10.83 7.32 -11.87
CA VAL A 277 -10.15 7.74 -10.64
C VAL A 277 -10.46 9.21 -10.39
N SER A 278 -10.75 9.54 -9.14
CA SER A 278 -10.77 10.92 -8.68
C SER A 278 -9.47 11.19 -7.93
N THR A 279 -8.77 12.26 -8.33
CA THR A 279 -7.57 12.69 -7.64
C THR A 279 -7.83 13.83 -6.65
N LYS A 280 -9.09 14.14 -6.39
CA LYS A 280 -9.44 15.33 -5.61
C LYS A 280 -8.90 15.28 -4.19
N GLN A 281 -8.74 14.09 -3.61
CA GLN A 281 -8.18 13.94 -2.28
C GLN A 281 -6.71 13.50 -2.32
N GLY A 282 -6.12 13.43 -3.50
CA GLY A 282 -4.74 13.03 -3.64
C GLY A 282 -4.50 11.55 -3.71
N PHE A 283 -5.56 10.74 -3.68
CA PHE A 283 -5.46 9.29 -3.64
C PHE A 283 -5.87 8.70 -4.99
N TRP A 284 -5.56 7.40 -5.15
CA TRP A 284 -6.10 6.60 -6.24
C TRP A 284 -7.50 6.16 -5.80
N GLU A 285 -8.43 7.10 -5.91
CA GLU A 285 -9.79 6.93 -5.41
C GLU A 285 -10.70 6.53 -6.56
N TRP A 286 -11.51 5.49 -6.33
CA TRP A 286 -12.33 4.89 -7.36
C TRP A 286 -13.62 4.39 -6.73
N THR A 287 -14.53 3.87 -7.55
CA THR A 287 -15.82 3.41 -7.07
C THR A 287 -16.04 1.97 -7.51
N SER A 288 -16.00 1.05 -6.56
CA SER A 288 -16.39 -0.33 -6.82
C SER A 288 -17.89 -0.40 -7.07
N THR A 289 -18.28 -1.35 -7.90
CA THR A 289 -19.67 -1.53 -8.31
C THR A 289 -20.45 -2.49 -7.42
N GLY A 290 -19.82 -3.12 -6.42
CA GLY A 290 -20.58 -3.91 -5.47
C GLY A 290 -19.77 -5.06 -4.92
N TYR A 291 -20.47 -6.01 -4.32
CA TYR A 291 -19.77 -7.10 -3.65
C TYR A 291 -20.64 -8.34 -3.56
N ALA A 292 -19.98 -9.47 -3.31
CA ALA A 292 -20.66 -10.69 -2.93
C ALA A 292 -19.88 -11.36 -1.81
N VAL A 293 -20.60 -12.14 -1.00
CA VAL A 293 -20.01 -12.91 0.08
C VAL A 293 -20.10 -14.38 -0.29
N GLY A 294 -18.95 -15.06 -0.36
CA GLY A 294 -18.95 -16.46 -0.71
C GLY A 294 -19.64 -16.68 -2.03
N SER A 295 -20.49 -17.70 -2.08
CA SER A 295 -21.23 -18.04 -3.29
CA SER A 295 -21.23 -18.04 -3.28
C SER A 295 -22.54 -17.27 -3.39
N GLY A 296 -22.73 -16.25 -2.56
CA GLY A 296 -23.96 -15.49 -2.56
C GLY A 296 -24.10 -14.59 -3.76
N THR A 297 -25.29 -14.00 -3.86
CA THR A 297 -25.61 -13.14 -4.98
C THR A 297 -24.84 -11.83 -4.89
N PHE A 298 -24.48 -11.30 -6.05
CA PHE A 298 -23.77 -10.03 -6.10
C PHE A 298 -24.73 -8.89 -5.80
N LYS A 299 -24.33 -8.01 -4.88
CA LYS A 299 -25.07 -6.82 -4.53
C LYS A 299 -24.48 -5.65 -5.28
N SER A 300 -25.26 -5.06 -6.18
CA SER A 300 -24.83 -3.90 -6.94
C SER A 300 -25.01 -2.66 -6.08
N THR A 301 -23.90 -2.00 -5.75
CA THR A 301 -23.93 -0.83 -4.90
C THR A 301 -22.58 -0.13 -5.07
N SER A 302 -22.60 1.20 -5.12
CA SER A 302 -21.36 1.95 -5.32
C SER A 302 -20.60 2.08 -4.01
N ILE A 303 -19.33 1.70 -4.02
CA ILE A 303 -18.47 1.79 -2.85
C ILE A 303 -17.24 2.59 -3.25
N ASP A 304 -17.20 3.87 -2.85
CA ASP A 304 -16.06 4.72 -3.10
CA ASP A 304 -16.06 4.71 -3.11
C ASP A 304 -14.93 4.37 -2.15
N GLY A 305 -13.71 4.22 -2.66
CA GLY A 305 -12.61 3.94 -1.77
C GLY A 305 -11.30 4.18 -2.47
N ILE A 306 -10.21 3.90 -1.77
CA ILE A 306 -8.88 4.14 -2.31
C ILE A 306 -8.13 2.83 -2.46
N ALA A 307 -7.32 2.75 -3.52
CA ALA A 307 -6.41 1.62 -3.69
C ALA A 307 -5.12 1.95 -2.94
N ASP A 308 -4.86 1.25 -1.83
CA ASP A 308 -3.80 1.62 -0.90
C ASP A 308 -2.90 0.43 -0.55
N THR A 309 -1.77 0.32 -1.24
CA THR A 309 -0.85 -0.77 -0.97
C THR A 309 -0.21 -0.68 0.41
N GLY A 310 -0.22 0.50 1.03
CA GLY A 310 0.33 0.68 2.35
C GLY A 310 -0.61 0.38 3.49
N THR A 311 -1.82 -0.10 3.23
CA THR A 311 -2.75 -0.52 4.27
C THR A 311 -2.90 -2.04 4.16
N THR A 312 -2.87 -2.68 5.34
CA THR A 312 -2.86 -4.14 5.37
C THR A 312 -4.23 -4.69 5.03
N LEU A 313 -5.32 -4.22 5.66
CA LEU A 313 -6.63 -4.86 5.52
C LEU A 313 -7.54 -4.16 4.51
N LEU A 314 -8.71 -4.72 4.31
CA LEU A 314 -9.79 -4.20 3.49
C LEU A 314 -10.82 -3.57 4.42
N TYR A 315 -10.97 -2.24 4.33
CA TYR A 315 -11.84 -1.45 5.20
C TYR A 315 -13.06 -1.05 4.34
N LEU A 316 -14.28 -1.47 4.70
CA LEU A 316 -15.48 -1.25 3.92
C LEU A 316 -16.62 -0.80 4.83
N PRO A 317 -17.73 -0.34 4.25
CA PRO A 317 -18.82 0.15 5.11
C PRO A 317 -19.33 -0.93 6.04
N ALA A 318 -19.83 -0.49 7.19
CA ALA A 318 -20.26 -1.41 8.24
C ALA A 318 -21.31 -2.40 7.76
N THR A 319 -22.20 -1.97 6.86
CA THR A 319 -23.23 -2.88 6.35
C THR A 319 -22.59 -4.05 5.61
N VAL A 320 -21.61 -3.75 4.75
CA VAL A 320 -20.94 -4.77 3.94
C VAL A 320 -20.16 -5.73 4.85
N VAL A 321 -19.44 -5.16 5.82
CA VAL A 321 -18.61 -5.97 6.70
C VAL A 321 -19.47 -6.87 7.57
N SER A 322 -20.60 -6.36 8.06
CA SER A 322 -21.52 -7.18 8.84
C SER A 322 -22.06 -8.34 8.01
N ALA A 323 -22.40 -8.07 6.74
CA ALA A 323 -22.90 -9.13 5.87
C ALA A 323 -21.86 -10.21 5.66
N TYR A 324 -20.59 -9.83 5.55
CA TYR A 324 -19.53 -10.82 5.40
C TYR A 324 -19.40 -11.69 6.66
N TRP A 325 -19.24 -11.05 7.82
CA TRP A 325 -18.93 -11.82 9.02
C TRP A 325 -20.13 -12.61 9.54
N ALA A 326 -21.34 -12.24 9.11
CA ALA A 326 -22.52 -13.02 9.46
C ALA A 326 -22.47 -14.42 8.88
N GLN A 327 -21.64 -14.64 7.86
CA GLN A 327 -21.49 -15.95 7.25
C GLN A 327 -20.40 -16.80 7.92
N VAL A 328 -19.83 -16.32 9.02
CA VAL A 328 -18.78 -17.04 9.74
C VAL A 328 -19.31 -17.32 11.15
N SER A 329 -19.58 -18.58 11.46
CA SER A 329 -20.15 -18.93 12.75
CA SER A 329 -20.15 -18.90 12.75
C SER A 329 -19.21 -18.48 13.86
N GLY A 330 -19.75 -17.74 14.82
CA GLY A 330 -18.99 -17.31 15.96
C GLY A 330 -18.22 -16.02 15.77
N ALA A 331 -18.23 -15.44 14.56
CA ALA A 331 -17.55 -14.17 14.37
C ALA A 331 -18.34 -13.04 15.02
N LYS A 332 -17.61 -12.05 15.52
CA LYS A 332 -18.24 -10.93 16.21
C LYS A 332 -17.28 -9.75 16.17
N SER A 333 -17.84 -8.56 16.30
CA SER A 333 -17.03 -7.37 16.46
C SER A 333 -16.69 -7.20 17.93
N SER A 334 -15.39 -7.09 18.21
CA SER A 334 -14.88 -6.95 19.56
C SER A 334 -14.35 -5.53 19.74
N SER A 335 -14.98 -4.76 20.63
CA SER A 335 -14.48 -3.42 20.90
CA SER A 335 -14.49 -3.42 20.92
C SER A 335 -13.12 -3.47 21.58
N SER A 336 -12.87 -4.48 22.41
CA SER A 336 -11.60 -4.54 23.12
C SER A 336 -10.46 -4.92 22.19
N VAL A 337 -10.71 -5.79 21.22
CA VAL A 337 -9.68 -6.16 20.28
C VAL A 337 -9.51 -5.09 19.21
N GLY A 338 -10.60 -4.42 18.81
CA GLY A 338 -10.56 -3.40 17.80
C GLY A 338 -11.07 -3.80 16.44
N GLY A 339 -11.96 -4.79 16.37
CA GLY A 339 -12.58 -5.14 15.11
C GLY A 339 -13.17 -6.54 15.20
N TYR A 340 -13.54 -7.03 14.03
CA TYR A 340 -14.10 -8.36 13.91
C TYR A 340 -13.05 -9.42 14.15
N VAL A 341 -13.42 -10.38 14.98
CA VAL A 341 -12.64 -11.58 15.28
C VAL A 341 -13.51 -12.77 14.97
N PHE A 342 -12.86 -13.91 14.80
CA PHE A 342 -13.59 -15.12 14.44
C PHE A 342 -12.84 -16.33 15.00
N PRO A 343 -13.53 -17.45 15.18
CA PRO A 343 -12.85 -18.65 15.70
C PRO A 343 -11.79 -19.12 14.73
N CYS A 344 -10.59 -19.41 15.25
CA CYS A 344 -9.53 -19.84 14.34
C CYS A 344 -9.89 -21.16 13.64
N SER A 345 -10.83 -21.94 14.18
CA SER A 345 -11.28 -23.16 13.54
C SER A 345 -12.20 -22.94 12.35
N ALA A 346 -12.61 -21.71 12.09
CA ALA A 346 -13.55 -21.46 11.00
C ALA A 346 -12.87 -21.58 9.64
N THR A 347 -13.67 -21.93 8.64
CA THR A 347 -13.29 -21.79 7.23
C THR A 347 -13.97 -20.53 6.70
N LEU A 348 -13.18 -19.58 6.21
CA LEU A 348 -13.74 -18.29 5.82
C LEU A 348 -14.26 -18.33 4.39
N PRO A 349 -15.38 -17.67 4.11
CA PRO A 349 -15.86 -17.54 2.74
C PRO A 349 -15.03 -16.51 1.99
N SER A 350 -15.06 -16.63 0.66
CA SER A 350 -14.47 -15.61 -0.18
C SER A 350 -15.27 -14.32 -0.12
N PHE A 351 -14.67 -13.26 -0.63
CA PHE A 351 -15.32 -11.97 -0.77
C PHE A 351 -15.02 -11.46 -2.18
N THR A 352 -16.06 -11.08 -2.92
CA THR A 352 -15.91 -10.58 -4.27
C THR A 352 -16.21 -9.10 -4.29
N PHE A 353 -15.38 -8.32 -4.99
CA PHE A 353 -15.70 -6.92 -5.23
C PHE A 353 -15.79 -6.65 -6.73
N GLY A 354 -16.64 -5.70 -7.10
CA GLY A 354 -16.85 -5.35 -8.49
C GLY A 354 -15.93 -4.24 -8.97
N VAL A 355 -15.46 -4.39 -10.20
CA VAL A 355 -14.73 -3.36 -10.92
C VAL A 355 -15.46 -3.25 -12.25
N GLY A 356 -16.28 -2.21 -12.41
CA GLY A 356 -17.18 -2.19 -13.54
C GLY A 356 -17.99 -3.47 -13.55
N SER A 357 -18.08 -4.11 -14.71
CA SER A 357 -18.80 -5.38 -14.82
CA SER A 357 -18.79 -5.38 -14.84
C SER A 357 -17.94 -6.57 -14.42
N ALA A 358 -16.67 -6.36 -14.14
CA ALA A 358 -15.76 -7.43 -13.75
C ALA A 358 -15.84 -7.68 -12.25
N ARG A 359 -15.25 -8.80 -11.84
CA ARG A 359 -15.34 -9.26 -10.47
C ARG A 359 -13.97 -9.77 -10.04
N ILE A 360 -13.50 -9.32 -8.89
CA ILE A 360 -12.27 -9.80 -8.29
C ILE A 360 -12.64 -10.59 -7.05
N VAL A 361 -12.19 -11.84 -6.98
CA VAL A 361 -12.52 -12.75 -5.87
C VAL A 361 -11.33 -12.83 -4.92
N ILE A 362 -11.57 -12.44 -3.66
CA ILE A 362 -10.59 -12.59 -2.59
C ILE A 362 -10.86 -13.93 -1.92
N PRO A 363 -9.97 -14.90 -2.02
CA PRO A 363 -10.20 -16.18 -1.33
C PRO A 363 -10.31 -15.99 0.18
N GLY A 364 -11.11 -16.87 0.79
CA GLY A 364 -11.30 -16.78 2.24
C GLY A 364 -10.01 -16.77 3.02
N ASP A 365 -9.02 -17.57 2.60
N ASP A 365 -9.01 -17.56 2.61
CA ASP A 365 -7.77 -17.64 3.35
CA ASP A 365 -7.81 -17.61 3.44
C ASP A 365 -7.08 -16.28 3.42
C ASP A 365 -6.97 -16.33 3.36
N TYR A 366 -7.28 -15.42 2.43
CA TYR A 366 -6.63 -14.11 2.43
C TYR A 366 -7.15 -13.22 3.56
N ILE A 367 -8.30 -13.58 4.13
CA ILE A 367 -9.00 -12.78 5.12
C ILE A 367 -8.64 -13.21 6.55
N ASP A 368 -7.79 -14.22 6.70
CA ASP A 368 -7.35 -14.70 7.99
C ASP A 368 -6.06 -14.02 8.40
N PHE A 369 -6.07 -13.20 9.52
CA PHE A 369 -4.89 -12.49 10.09
C PHE A 369 -4.39 -13.15 11.39
N GLY A 370 -4.87 -14.37 11.66
CA GLY A 370 -4.29 -15.21 12.72
C GLY A 370 -4.68 -14.83 14.13
N PRO A 371 -4.24 -15.63 15.13
CA PRO A 371 -4.57 -15.36 16.53
C PRO A 371 -4.34 -13.89 16.93
N ILE A 372 -5.26 -13.36 17.75
CA ILE A 372 -5.20 -11.92 18.19
C ILE A 372 -3.98 -11.76 19.09
N SER A 373 -3.53 -12.83 19.74
CA SER A 373 -2.33 -12.88 20.55
C SER A 373 -1.82 -14.30 20.47
N THR A 374 -0.53 -14.49 20.73
CA THR A 374 0.05 -15.81 20.56
C THR A 374 -0.72 -16.84 21.39
N GLY A 375 -1.08 -17.95 20.74
CA GLY A 375 -1.77 -19.03 21.39
C GLY A 375 -3.27 -18.89 21.47
N SER A 376 -3.84 -17.74 21.09
CA SER A 376 -5.27 -17.55 21.17
C SER A 376 -5.96 -18.34 20.07
N SER A 377 -7.18 -18.80 20.37
CA SER A 377 -8.05 -19.38 19.34
C SER A 377 -9.01 -18.38 18.73
N SER A 378 -8.86 -17.10 19.05
CA SER A 378 -9.60 -16.04 18.37
CA SER A 378 -9.61 -16.04 18.39
C SER A 378 -8.68 -15.40 17.36
N CYS A 379 -9.16 -15.30 16.12
CA CYS A 379 -8.37 -14.82 14.99
C CYS A 379 -8.90 -13.47 14.52
N PHE A 380 -8.00 -12.62 14.05
CA PHE A 380 -8.40 -11.25 13.67
C PHE A 380 -8.73 -11.24 12.19
N GLY A 381 -9.89 -10.66 11.78
CA GLY A 381 -10.38 -10.64 10.41
C GLY A 381 -9.68 -9.64 9.52
N GLY A 382 -9.60 -10.00 8.23
CA GLY A 382 -8.98 -9.15 7.23
C GLY A 382 -9.88 -8.15 6.54
N ILE A 383 -11.18 -8.23 6.83
CA ILE A 383 -12.19 -7.28 6.36
C ILE A 383 -12.74 -6.63 7.61
N GLN A 384 -12.66 -5.30 7.67
CA GLN A 384 -13.00 -4.54 8.85
C GLN A 384 -13.80 -3.32 8.42
N SER A 385 -14.54 -2.75 9.38
CA SER A 385 -15.35 -1.58 9.09
C SER A 385 -14.48 -0.34 8.90
N SER A 386 -14.85 0.48 7.91
CA SER A 386 -14.24 1.77 7.70
C SER A 386 -14.92 2.88 8.48
N ALA A 387 -15.94 2.56 9.29
N ALA A 387 -15.94 2.56 9.28
CA ALA A 387 -16.58 3.59 10.09
CA ALA A 387 -16.80 3.61 9.84
C ALA A 387 -15.56 4.20 11.06
C ALA A 387 -16.00 4.68 10.57
N GLY A 388 -15.47 5.53 11.03
N GLY A 388 -14.94 4.29 11.27
CA GLY A 388 -14.52 6.25 11.82
CA GLY A 388 -14.11 5.23 12.01
C GLY A 388 -13.25 6.61 11.08
C GLY A 388 -12.97 5.84 11.24
N ILE A 389 -12.96 5.89 9.99
N ILE A 389 -12.91 5.64 9.92
CA ILE A 389 -11.80 6.22 9.16
CA ILE A 389 -11.82 6.15 9.08
C ILE A 389 -12.14 7.32 8.16
C ILE A 389 -12.23 7.41 8.34
N GLY A 390 -13.41 7.39 7.73
CA GLY A 390 -13.84 8.44 6.84
C GLY A 390 -13.70 8.12 5.37
N ILE A 391 -13.11 6.97 5.03
CA ILE A 391 -12.97 6.56 3.64
C ILE A 391 -12.86 5.04 3.65
N ASN A 392 -13.33 4.41 2.58
CA ASN A 392 -13.11 2.98 2.42
C ASN A 392 -11.74 2.75 1.81
N ILE A 393 -11.09 1.66 2.23
CA ILE A 393 -9.72 1.41 1.82
C ILE A 393 -9.60 0.00 1.27
N PHE A 394 -9.28 -0.10 -0.02
CA PHE A 394 -8.92 -1.35 -0.67
C PHE A 394 -7.42 -1.54 -0.45
N GLY A 395 -7.09 -2.11 0.72
CA GLY A 395 -5.74 -2.39 1.10
C GLY A 395 -5.26 -3.73 0.55
N ASP A 396 -4.16 -4.21 1.13
CA ASP A 396 -3.46 -5.37 0.55
C ASP A 396 -4.37 -6.59 0.43
N VAL A 397 -5.25 -6.83 1.40
CA VAL A 397 -6.17 -7.98 1.32
C VAL A 397 -6.89 -8.01 -0.02
N ALA A 398 -7.38 -6.86 -0.48
CA ALA A 398 -8.05 -6.78 -1.77
C ALA A 398 -7.07 -6.76 -2.93
N LEU A 399 -6.03 -5.92 -2.83
CA LEU A 399 -5.16 -5.73 -3.98
C LEU A 399 -4.38 -6.99 -4.32
N LYS A 400 -4.00 -7.80 -3.33
CA LYS A 400 -3.22 -9.00 -3.61
CA LYS A 400 -3.20 -8.97 -3.65
C LYS A 400 -4.01 -10.05 -4.37
N ALA A 401 -5.34 -9.92 -4.43
CA ALA A 401 -6.16 -10.81 -5.24
C ALA A 401 -6.17 -10.39 -6.70
N ALA A 402 -5.50 -9.31 -7.07
CA ALA A 402 -5.58 -8.77 -8.42
C ALA A 402 -4.20 -8.36 -8.93
N PHE A 403 -4.13 -8.22 -10.24
CA PHE A 403 -3.07 -7.45 -10.89
C PHE A 403 -3.64 -6.05 -11.09
N VAL A 404 -2.96 -5.03 -10.54
CA VAL A 404 -3.51 -3.70 -10.44
C VAL A 404 -2.65 -2.72 -11.21
N VAL A 405 -3.28 -2.00 -12.13
CA VAL A 405 -2.62 -0.99 -12.96
C VAL A 405 -2.95 0.39 -12.40
N PHE A 406 -1.91 1.14 -12.07
CA PHE A 406 -2.02 2.54 -11.68
C PHE A 406 -1.60 3.35 -12.90
N ASN A 407 -2.60 3.82 -13.65
CA ASN A 407 -2.38 4.52 -14.91
C ASN A 407 -2.29 6.01 -14.63
N GLY A 408 -1.08 6.56 -14.74
CA GLY A 408 -0.82 7.96 -14.49
C GLY A 408 -0.81 8.83 -15.73
N ALA A 409 -1.61 8.47 -16.72
CA ALA A 409 -1.88 9.33 -17.85
C ALA A 409 -2.52 10.64 -17.38
N THR A 410 -2.63 11.59 -18.31
CA THR A 410 -3.16 12.92 -17.98
C THR A 410 -4.46 12.83 -17.19
N THR A 411 -5.36 11.93 -17.60
CA THR A 411 -6.49 11.57 -16.77
C THR A 411 -6.22 10.20 -16.17
N PRO A 412 -5.86 10.09 -14.91
CA PRO A 412 -5.50 8.78 -14.37
C PRO A 412 -6.68 7.84 -14.31
N THR A 413 -6.38 6.55 -14.40
CA THR A 413 -7.37 5.50 -14.19
C THR A 413 -6.70 4.35 -13.44
N LEU A 414 -7.52 3.45 -12.91
N LEU A 414 -7.51 3.37 -13.07
CA LEU A 414 -7.05 2.22 -12.31
CA LEU A 414 -7.08 2.24 -12.28
C LEU A 414 -7.53 1.05 -13.15
C LEU A 414 -7.60 0.98 -12.95
N GLY A 415 -6.71 0.02 -13.22
CA GLY A 415 -7.09 -1.23 -13.85
C GLY A 415 -6.94 -2.41 -12.90
N PHE A 416 -7.88 -3.34 -13.00
CA PHE A 416 -7.83 -4.57 -12.22
C PHE A 416 -8.02 -5.77 -13.12
N ALA A 417 -7.17 -6.79 -12.94
CA ALA A 417 -7.35 -8.08 -13.56
C ALA A 417 -7.23 -9.18 -12.51
N SER A 418 -7.93 -10.28 -12.73
CA SER A 418 -7.66 -11.49 -11.97
C SER A 418 -6.31 -12.07 -12.37
N LYS A 419 -5.80 -12.97 -11.54
CA LYS A 419 -4.48 -13.55 -11.80
C LYS A 419 -4.34 -14.94 -11.24
C4 T9G B . -4.36 -6.13 12.74
C5 T9G B . -4.51 -5.26 11.69
C6 T9G B . -3.62 -5.30 10.64
C7 T9G B . -2.62 -6.26 10.60
C8 T9G B . -2.54 -7.20 11.61
O T9G B . -1.73 -8.26 11.50
C3 T9G B . -3.37 -7.10 12.73
C2 T9G B . -3.17 -8.01 13.92
N T9G B . -1.74 -7.99 14.36
C1 T9G B . -3.62 -9.45 13.65
C T9G B . -3.95 -10.23 14.90
H1 T9G B . -5.03 -6.05 13.60
H2 T9G B . -5.32 -4.54 11.70
H3 T9G B . -3.59 -4.39 10.05
H4 T9G B . -1.73 -6.11 10.02
H5 T9G B . -1.43 -8.22 10.56
H6 T9G B . -3.74 -7.61 14.76
H7 T9G B . -1.13 -8.30 13.61
H8 T9G B . -1.44 -7.06 14.63
H10 T9G B . -4.46 -9.37 12.98
H11 T9G B . -2.87 -9.98 13.07
H12 T9G B . -4.33 -11.22 14.65
H13 T9G B . -3.09 -10.40 15.55
H14 T9G B . -4.73 -9.76 15.50
H9 T9G B . -1.59 -8.59 15.17
C4 T9G C . 7.20 -13.62 -7.89
C5 T9G C . 8.13 -12.60 -7.89
C6 T9G C . 9.30 -12.75 -8.58
C7 T9G C . 9.56 -13.90 -9.29
C8 T9G C . 8.65 -14.95 -9.26
O T9G C . 9.13 -16.13 -9.86
C3 T9G C . 7.45 -14.81 -8.57
C2 T9G C . 6.45 -15.96 -8.50
N T9G C . 5.44 -15.85 -9.59
C1 T9G C . 5.69 -16.17 -7.19
C T9G C . 6.52 -16.35 -6.03
H1 T9G C . 6.26 -13.45 -7.38
H2 T9G C . 7.94 -11.69 -7.33
H3 T9G C . 10.04 -11.94 -8.58
H4 T9G C . 10.48 -13.98 -9.87
H5 T9G C . 10.05 -16.00 -10.19
H6 T9G C . 7.00 -16.88 -8.71
H7 T9G C . 4.74 -15.14 -9.37
H8 T9G C . 5.87 -15.58 -10.47
H10 T9G C . 5.04 -15.31 -7.05
H11 T9G C . 4.98 -17.00 -7.28
H12 T9G C . 5.92 -16.53 -5.13
H13 T9G C . 7.20 -17.19 -6.10
H14 T9G C . 7.12 -15.47 -5.80
H9 T9G C . 4.97 -16.73 -9.73
#